data_6ERL
#
_entry.id   6ERL
#
_entity_poly.entity_id   1
_entity_poly.type   'polydeoxyribonucleotide'
_entity_poly.pdbx_seq_one_letter_code
;(DT)(DG)(DA)(BGM)(DG)(DG)(DT)(BGM)(DG)(DG)(DT)(DA)(BGM)(DG)(DG)(DT)(BGM)(DG)(DG)
(DT)(DA)(DA)
;
_entity_poly.pdbx_strand_id   A
#